data_3F3U
#
_entry.id   3F3U
#
_cell.length_a   42.090
_cell.length_b   63.530
_cell.length_c   73.990
_cell.angle_alpha   78.940
_cell.angle_beta   89.370
_cell.angle_gamma   90.060
#
_symmetry.space_group_name_H-M   'P 1'
#
loop_
_entity.id
_entity.type
_entity.pdbx_description
1 polymer 'Proto-oncogene tyrosine-protein kinase Src'
2 non-polymer 1-[1-(3-aminophenyl)-3-tert-butyl-1H-pyrazol-5-yl]-3-phenylurea
3 water water
#
_entity_poly.entity_id   1
_entity_poly.type   'polypeptide(L)'
_entity_poly.pdbx_seq_one_letter_code
;GHMQTQGLAKDAWEIPRESLRLEVKLGQGCFGEVWMGTWNGTTRVAIKTLKPGTMSPEAFLQEAQVMKKLRHEKLVQLYA
VVSEEPIYIVTEYMSKGCLLDFLKGEMGKYLRLPQLVDMAAQIASGMAYVERMNYVHRDLRAANILVGENLVCKVADFGL
ARLIEDNEYTARQGAKFPIKWTAPEAALYGRFTIKSDVWSFGILLTELTTKGRVPYPGMVNREVLDQVERGYRMPCPPEC
PESLHDLMCQCWRKDPEERPTFEYLQAFLEDYFTSTEPQYQPGENL
;
_entity_poly.pdbx_strand_id   A,B
#
loop_
_chem_comp.id
_chem_comp.type
_chem_comp.name
_chem_comp.formula
1AW non-polymer 1-[1-(3-aminophenyl)-3-tert-butyl-1H-pyrazol-5-yl]-3-phenylurea 'C20 H23 N5 O'
#
# COMPACT_ATOMS: atom_id res chain seq x y z
N LYS A 10 19.18 12.43 36.64
CA LYS A 10 20.57 12.95 36.77
C LYS A 10 21.60 11.80 36.82
N ASP A 11 21.60 10.98 35.77
CA ASP A 11 22.30 9.67 35.75
C ASP A 11 23.74 9.62 35.19
N ALA A 12 24.16 8.42 34.82
CA ALA A 12 25.39 8.18 34.05
C ALA A 12 25.07 7.81 32.59
N TRP A 13 23.85 8.12 32.17
CA TRP A 13 23.46 8.00 30.77
C TRP A 13 23.54 9.35 30.06
N GLU A 14 23.76 10.41 30.84
CA GLU A 14 23.78 11.79 30.35
C GLU A 14 25.02 12.14 29.52
N ILE A 15 24.82 12.93 28.46
CA ILE A 15 25.88 13.28 27.51
C ILE A 15 25.82 14.77 27.14
N PRO A 16 27.01 15.41 26.98
CA PRO A 16 26.97 16.79 26.51
C PRO A 16 26.27 16.88 25.14
N ARG A 17 25.50 17.96 24.97
CA ARG A 17 24.66 18.12 23.81
C ARG A 17 25.42 18.27 22.51
N GLU A 18 26.43 19.12 22.51
CA GLU A 18 27.24 19.39 21.32
C GLU A 18 27.83 18.11 20.73
N SER A 19 27.83 17.02 21.51
CA SER A 19 28.33 15.75 21.04
C SER A 19 27.28 14.98 20.20
N LEU A 20 26.24 15.72 19.77
CA LEU A 20 25.18 15.19 18.88
C LEU A 20 24.99 16.07 17.67
N ARG A 21 24.85 15.44 16.51
CA ARG A 21 24.63 16.14 15.27
C ARG A 21 23.43 15.46 14.61
N LEU A 22 22.25 16.06 14.75
CA LEU A 22 21.02 15.52 14.16
C LEU A 22 20.99 15.78 12.65
N GLU A 23 21.21 14.72 11.87
CA GLU A 23 21.47 14.84 10.42
C GLU A 23 20.26 14.68 9.50
N VAL A 24 19.56 13.55 9.61
CA VAL A 24 18.41 13.25 8.75
C VAL A 24 17.16 12.93 9.59
N LYS A 25 16.02 13.52 9.22
CA LYS A 25 14.79 13.27 9.96
C LYS A 25 14.12 12.01 9.48
N LEU A 26 13.78 11.13 10.42
CA LEU A 26 13.29 9.80 10.11
C LEU A 26 11.78 9.69 10.32
N GLY A 27 11.26 10.46 11.28
CA GLY A 27 9.81 10.52 11.53
C GLY A 27 9.43 11.73 12.36
N GLN A 28 8.15 12.13 12.23
CA GLN A 28 7.54 13.17 13.08
C GLN A 28 6.15 12.76 13.57
N GLY A 29 5.93 12.94 14.87
CA GLY A 29 4.63 12.67 15.50
C GLY A 29 4.04 13.95 16.05
N CYS A 30 3.16 13.81 17.04
CA CYS A 30 2.66 14.97 17.76
C CYS A 30 3.49 15.22 19.03
N PHE A 31 4.25 14.21 19.47
CA PHE A 31 5.09 14.30 20.69
C PHE A 31 6.54 14.69 20.42
N GLY A 32 6.96 14.63 19.15
CA GLY A 32 8.34 14.88 18.80
C GLY A 32 8.78 14.11 17.58
N GLU A 33 10.08 14.00 17.42
CA GLU A 33 10.67 13.51 16.17
C GLU A 33 11.78 12.51 16.43
N VAL A 34 12.03 11.64 15.46
CA VAL A 34 13.26 10.87 15.52
C VAL A 34 14.21 11.25 14.39
N TRP A 35 15.45 11.53 14.76
CA TRP A 35 16.49 11.83 13.77
C TRP A 35 17.58 10.78 13.80
N MET A 36 18.13 10.49 12.62
CA MET A 36 19.43 9.83 12.55
C MET A 36 20.53 10.86 12.86
N GLY A 37 21.66 10.41 13.36
CA GLY A 37 22.71 11.36 13.67
C GLY A 37 24.04 10.79 14.06
N THR A 38 24.82 11.62 14.74
CA THR A 38 26.18 11.26 15.10
C THR A 38 26.44 11.68 16.54
N TRP A 39 26.97 10.73 17.30
CA TRP A 39 27.28 10.91 18.70
C TRP A 39 28.77 10.76 18.90
N ASN A 40 29.31 11.70 19.69
CA ASN A 40 30.75 11.83 19.97
C ASN A 40 31.59 11.84 18.69
N GLY A 41 31.11 12.60 17.71
CA GLY A 41 31.79 12.77 16.42
C GLY A 41 31.83 11.53 15.55
N THR A 42 31.75 10.35 16.17
CA THR A 42 32.14 9.09 15.53
C THR A 42 31.03 8.06 15.32
N THR A 43 29.95 8.13 16.10
CA THR A 43 29.02 6.98 16.10
C THR A 43 27.52 7.21 15.79
N ARG A 44 27.01 6.40 14.84
CA ARG A 44 25.65 6.51 14.29
C ARG A 44 24.58 6.27 15.35
N VAL A 45 23.57 7.12 15.40
CA VAL A 45 22.60 6.99 16.48
C VAL A 45 21.22 7.34 15.99
N ALA A 46 20.22 6.90 16.76
CA ALA A 46 18.83 7.34 16.63
C ALA A 46 18.49 8.26 17.80
N ILE A 47 17.90 9.40 17.48
CA ILE A 47 17.66 10.42 18.47
C ILE A 47 16.18 10.74 18.56
N LYS A 48 15.55 10.33 19.66
CA LYS A 48 14.17 10.69 19.96
C LYS A 48 14.10 12.08 20.60
N THR A 49 13.05 12.81 20.23
CA THR A 49 12.81 14.20 20.57
C THR A 49 11.49 14.35 21.34
N LEU A 50 11.47 15.31 22.27
CA LEU A 50 10.23 15.79 22.92
C LEU A 50 9.84 17.19 22.42
N LYS A 51 8.63 17.31 21.85
CA LYS A 51 8.06 18.61 21.53
C LYS A 51 7.48 19.19 22.83
N PRO A 52 8.12 20.24 23.38
CA PRO A 52 7.82 20.68 24.74
C PRO A 52 6.36 21.09 24.87
N GLY A 53 5.75 20.73 25.98
CA GLY A 53 4.35 21.04 26.21
C GLY A 53 3.40 19.90 25.88
N THR A 54 3.83 19.00 24.99
CA THR A 54 2.97 17.90 24.55
C THR A 54 2.99 16.68 25.46
N MET A 55 3.85 16.73 26.48
CA MET A 55 3.78 15.83 27.64
C MET A 55 4.84 16.25 28.64
N SER A 56 4.71 15.78 29.88
CA SER A 56 5.63 16.16 30.94
C SER A 56 7.05 15.63 30.69
N PRO A 57 8.07 16.26 31.31
CA PRO A 57 9.44 15.75 31.20
C PRO A 57 9.56 14.30 31.69
N GLU A 58 9.02 14.03 32.89
CA GLU A 58 9.00 12.69 33.48
C GLU A 58 8.35 11.60 32.60
N ALA A 59 7.14 11.88 32.09
CA ALA A 59 6.37 10.89 31.32
C ALA A 59 6.98 10.60 29.96
N PHE A 60 7.91 11.45 29.54
CA PHE A 60 8.67 11.21 28.32
C PHE A 60 9.92 10.37 28.62
N LEU A 61 10.46 10.57 29.81
CA LEU A 61 11.64 9.85 30.28
C LEU A 61 11.29 8.52 30.94
N GLN A 62 10.00 8.17 30.95
CA GLN A 62 9.57 6.84 31.36
C GLN A 62 10.03 5.80 30.35
N GLU A 63 10.28 6.24 29.12
CA GLU A 63 10.80 5.37 28.08
C GLU A 63 12.23 4.92 28.38
N ALA A 64 13.10 5.88 28.66
CA ALA A 64 14.50 5.64 29.01
C ALA A 64 14.65 4.76 30.27
N GLN A 65 13.77 4.96 31.25
CA GLN A 65 13.79 4.14 32.49
C GLN A 65 13.44 2.68 32.21
N VAL A 66 12.49 2.46 31.32
CA VAL A 66 12.08 1.10 31.02
C VAL A 66 13.13 0.42 30.14
N MET A 67 13.75 1.18 29.25
CA MET A 67 14.81 0.62 28.39
C MET A 67 16.12 0.38 29.15
N LYS A 68 16.23 0.99 30.33
CA LYS A 68 17.43 0.91 31.13
C LYS A 68 17.50 -0.46 31.82
N LYS A 69 16.33 -1.06 32.04
CA LYS A 69 16.27 -2.33 32.76
C LYS A 69 16.19 -3.50 31.81
N LEU A 70 16.27 -3.23 30.50
CA LEU A 70 16.13 -4.26 29.46
C LEU A 70 17.22 -4.22 28.41
N ARG A 71 18.25 -5.04 28.59
CA ARG A 71 19.31 -5.21 27.59
C ARG A 71 19.43 -6.64 27.00
N HIS A 72 19.48 -6.73 25.70
CA HIS A 72 19.58 -8.00 25.00
C HIS A 72 19.85 -7.64 23.57
N GLU A 73 20.55 -8.50 22.86
CA GLU A 73 21.00 -8.23 21.48
C GLU A 73 19.86 -8.14 20.44
N LYS A 74 18.67 -8.64 20.80
CA LYS A 74 17.52 -8.56 19.89
C LYS A 74 16.49 -7.49 20.34
N LEU A 75 16.83 -6.76 21.40
CA LEU A 75 16.11 -5.56 21.77
C LEU A 75 16.98 -4.38 21.48
N VAL A 76 16.35 -3.36 20.91
CA VAL A 76 17.01 -2.13 20.59
C VAL A 76 17.60 -1.52 21.86
N GLN A 77 18.85 -1.10 21.78
CA GLN A 77 19.57 -0.61 22.95
C GLN A 77 19.53 0.92 23.12
N LEU A 78 19.14 1.34 24.31
CA LEU A 78 19.26 2.72 24.73
C LEU A 78 20.73 3.03 24.93
N TYR A 79 21.27 4.00 24.19
CA TYR A 79 22.63 4.46 24.46
C TYR A 79 22.69 5.53 25.55
N ALA A 80 22.05 6.68 25.32
CA ALA A 80 22.20 7.88 26.18
C ALA A 80 20.95 8.76 26.27
N VAL A 81 20.93 9.67 27.25
CA VAL A 81 19.85 10.63 27.37
C VAL A 81 20.37 12.06 27.61
N VAL A 82 19.54 13.04 27.23
CA VAL A 82 19.73 14.43 27.65
C VAL A 82 18.50 14.81 28.48
N SER A 83 18.73 15.08 29.77
CA SER A 83 17.67 15.13 30.77
C SER A 83 17.03 16.52 31.04
N GLU A 84 17.35 17.52 30.23
CA GLU A 84 16.73 18.86 30.33
C GLU A 84 16.43 19.38 28.94
N GLU A 85 15.40 20.22 28.81
CA GLU A 85 15.03 20.75 27.51
C GLU A 85 16.22 21.44 26.82
N PRO A 86 16.37 21.24 25.49
CA PRO A 86 15.60 20.24 24.76
C PRO A 86 16.08 18.85 25.16
N ILE A 87 15.12 18.01 25.54
CA ILE A 87 15.31 16.61 25.95
C ILE A 87 15.56 15.65 24.75
N TYR A 88 16.34 14.59 24.96
CA TYR A 88 16.64 13.58 23.94
C TYR A 88 16.83 12.18 24.52
N ILE A 89 16.37 11.16 23.79
CA ILE A 89 16.60 9.75 24.12
C ILE A 89 17.40 9.17 22.95
N VAL A 90 18.57 8.58 23.24
CA VAL A 90 19.51 8.20 22.17
C VAL A 90 19.70 6.70 22.13
N THR A 91 19.31 6.09 21.03
CA THR A 91 19.45 4.64 20.88
C THR A 91 20.48 4.26 19.83
N GLU A 92 20.72 2.97 19.69
CA GLU A 92 21.53 2.50 18.58
C GLU A 92 20.82 2.77 17.26
N TYR A 93 21.58 2.88 16.17
CA TYR A 93 20.97 3.15 14.88
C TYR A 93 20.66 1.87 14.05
N MET A 94 19.47 1.77 13.50
CA MET A 94 19.15 0.60 12.66
C MET A 94 18.98 1.00 11.20
N SER A 95 20.02 0.69 10.43
CA SER A 95 20.19 1.29 9.12
C SER A 95 19.06 1.00 8.13
N LYS A 96 18.19 0.04 8.43
CA LYS A 96 17.10 -0.37 7.53
C LYS A 96 15.71 0.08 7.91
N GLY A 97 15.56 0.74 9.06
CA GLY A 97 14.23 1.13 9.56
C GLY A 97 13.24 0.02 9.92
N CYS A 98 11.96 0.37 9.92
CA CYS A 98 10.81 -0.50 10.13
C CYS A 98 10.95 -1.84 9.38
N LEU A 99 10.81 -2.96 10.07
CA LEU A 99 10.57 -4.24 9.39
C LEU A 99 9.43 -4.09 8.36
N LEU A 100 8.28 -3.57 8.77
CA LEU A 100 7.15 -3.29 7.85
C LEU A 100 7.50 -2.64 6.49
N ASP A 101 8.34 -1.60 6.51
CA ASP A 101 8.69 -0.84 5.31
C ASP A 101 9.72 -1.62 4.51
N PHE A 102 10.51 -2.42 5.22
CA PHE A 102 11.52 -3.21 4.62
C PHE A 102 10.81 -4.34 3.83
N LEU A 103 9.81 -4.98 4.43
CA LEU A 103 9.05 -6.02 3.74
C LEU A 103 8.42 -5.52 2.47
N LYS A 104 7.88 -4.30 2.48
CA LYS A 104 6.99 -3.83 1.39
C LYS A 104 7.76 -3.23 0.24
N GLY A 105 8.90 -2.63 0.53
CA GLY A 105 9.72 -1.94 -0.47
C GLY A 105 10.68 -2.80 -1.26
N GLU A 106 11.68 -2.16 -1.89
CA GLU A 106 12.62 -2.84 -2.80
C GLU A 106 13.19 -4.18 -2.32
N MET A 107 13.55 -4.32 -1.05
CA MET A 107 14.04 -5.62 -0.52
C MET A 107 13.00 -6.78 -0.41
N GLY A 108 11.72 -6.45 -0.52
CA GLY A 108 10.64 -7.45 -0.59
C GLY A 108 10.77 -8.53 -1.66
N LYS A 109 10.88 -8.15 -2.93
CA LYS A 109 11.01 -9.12 -4.03
C LYS A 109 11.94 -10.29 -3.72
N TYR A 110 13.02 -10.03 -2.95
CA TYR A 110 14.10 -11.01 -2.79
C TYR A 110 14.08 -11.87 -1.53
N LEU A 111 13.47 -11.39 -0.44
CA LEU A 111 13.22 -12.22 0.73
C LEU A 111 12.56 -13.57 0.41
N ARG A 112 13.01 -14.62 1.07
CA ARG A 112 12.47 -15.94 0.87
C ARG A 112 12.23 -16.50 2.22
N LEU A 113 11.52 -17.62 2.24
CA LEU A 113 11.14 -18.23 3.51
C LEU A 113 12.39 -18.42 4.39
N PRO A 114 13.49 -18.98 3.82
CA PRO A 114 14.69 -18.99 4.68
C PRO A 114 15.06 -17.62 5.29
N GLN A 115 14.91 -16.50 4.61
CA GLN A 115 15.30 -15.27 5.36
C GLN A 115 14.22 -14.88 6.40
N LEU A 116 12.94 -15.02 6.01
CA LEU A 116 11.82 -14.53 6.78
C LEU A 116 11.68 -15.33 8.08
N VAL A 117 11.99 -16.61 8.03
CA VAL A 117 11.92 -17.42 9.23
C VAL A 117 13.07 -17.04 10.21
N ASP A 118 14.24 -16.76 9.64
CA ASP A 118 15.37 -16.22 10.38
C ASP A 118 15.10 -14.86 11.02
N MET A 119 14.48 -13.93 10.29
CA MET A 119 14.06 -12.71 10.94
C MET A 119 13.14 -13.04 12.15
N ALA A 120 12.19 -13.94 11.91
CA ALA A 120 11.20 -14.38 12.90
C ALA A 120 11.86 -14.98 14.15
N ALA A 121 12.94 -15.74 13.92
CA ALA A 121 13.62 -16.40 15.03
C ALA A 121 14.19 -15.35 16.00
N GLN A 122 14.68 -14.25 15.44
CA GLN A 122 15.38 -13.21 16.18
C GLN A 122 14.38 -12.40 16.99
N ILE A 123 13.20 -12.20 16.42
CA ILE A 123 12.18 -11.46 17.14
C ILE A 123 11.82 -12.38 18.30
N ALA A 124 11.68 -13.66 17.99
CA ALA A 124 11.31 -14.65 19.00
C ALA A 124 12.32 -14.63 20.09
N SER A 125 13.56 -14.34 19.73
CA SER A 125 14.63 -14.44 20.68
C SER A 125 14.61 -13.22 21.62
N GLY A 126 14.36 -12.03 21.02
CA GLY A 126 14.17 -10.82 21.76
C GLY A 126 13.00 -10.98 22.72
N MET A 127 11.87 -11.46 22.16
CA MET A 127 10.64 -11.74 22.94
C MET A 127 10.82 -12.86 24.00
N ALA A 128 11.79 -13.73 23.78
CA ALA A 128 12.03 -14.73 24.79
C ALA A 128 12.71 -14.05 25.96
N TYR A 129 13.54 -13.05 25.69
CA TYR A 129 14.15 -12.27 26.78
C TYR A 129 13.05 -11.56 27.58
N VAL A 130 12.17 -10.86 26.86
CA VAL A 130 11.01 -10.23 27.45
C VAL A 130 10.16 -11.20 28.31
N GLU A 131 9.85 -12.38 27.77
CA GLU A 131 9.23 -13.45 28.58
C GLU A 131 9.96 -13.67 29.90
N ARG A 132 11.29 -13.76 29.86
CA ARG A 132 12.09 -14.16 31.03
C ARG A 132 12.21 -13.04 32.07
N MET A 133 12.13 -11.79 31.62
CA MET A 133 12.14 -10.64 32.50
C MET A 133 10.76 -10.34 33.09
N ASN A 134 9.77 -11.16 32.70
CA ASN A 134 8.36 -11.03 33.08
C ASN A 134 7.74 -9.70 32.69
N TYR A 135 8.04 -9.29 31.47
CA TYR A 135 7.55 -8.05 30.94
C TYR A 135 6.55 -8.38 29.79
N VAL A 136 5.83 -7.38 29.32
CA VAL A 136 4.82 -7.57 28.30
C VAL A 136 5.01 -6.44 27.30
N HIS A 137 4.96 -6.76 26.01
CA HIS A 137 5.26 -5.72 25.03
C HIS A 137 4.02 -4.86 24.83
N ARG A 138 2.90 -5.53 24.46
CA ARG A 138 1.58 -4.93 24.23
C ARG A 138 1.39 -4.42 22.79
N ASP A 139 2.42 -4.53 21.96
CA ASP A 139 2.30 -4.00 20.61
C ASP A 139 3.38 -4.58 19.72
N LEU A 140 3.56 -5.88 19.83
CA LEU A 140 4.35 -6.58 18.87
C LEU A 140 3.66 -6.59 17.49
N ARG A 141 4.31 -6.03 16.49
CA ARG A 141 3.91 -6.13 15.06
C ARG A 141 5.04 -5.62 14.21
N ALA A 142 5.09 -6.05 12.96
CA ALA A 142 6.18 -5.61 12.09
C ALA A 142 6.56 -4.11 12.23
N ALA A 143 5.63 -3.19 12.44
CA ALA A 143 5.94 -1.75 12.49
C ALA A 143 6.91 -1.39 13.64
N ASN A 144 6.99 -2.28 14.61
CA ASN A 144 7.72 -2.04 15.82
C ASN A 144 9.01 -2.88 15.82
N ILE A 145 9.27 -3.58 14.72
CA ILE A 145 10.56 -4.22 14.61
C ILE A 145 11.43 -3.40 13.72
N LEU A 146 12.65 -3.15 14.21
CA LEU A 146 13.74 -2.49 13.50
C LEU A 146 14.71 -3.50 12.80
N VAL A 147 15.14 -3.16 11.58
CA VAL A 147 16.06 -4.00 10.80
C VAL A 147 17.40 -3.37 10.61
N GLY A 148 18.46 -4.16 10.73
CA GLY A 148 19.82 -3.65 10.51
C GLY A 148 20.56 -4.33 9.37
N GLU A 149 21.86 -4.15 9.34
CA GLU A 149 22.69 -4.82 8.33
C GLU A 149 22.73 -6.33 8.58
N ASN A 150 23.06 -7.05 7.51
CA ASN A 150 22.95 -8.51 7.49
C ASN A 150 21.65 -9.00 8.17
N LEU A 151 20.54 -8.41 7.75
CA LEU A 151 19.22 -8.78 8.22
C LEU A 151 19.06 -8.91 9.71
N VAL A 152 19.83 -8.19 10.52
CA VAL A 152 19.60 -8.24 11.96
C VAL A 152 18.22 -7.66 12.29
N CYS A 153 17.44 -8.31 13.15
CA CYS A 153 16.19 -7.71 13.60
C CYS A 153 16.14 -7.43 15.08
N LYS A 154 15.57 -6.29 15.45
CA LYS A 154 15.41 -5.99 16.87
C LYS A 154 14.03 -5.48 17.30
N VAL A 155 13.58 -5.94 18.46
CA VAL A 155 12.29 -5.51 19.05
C VAL A 155 12.47 -4.09 19.54
N ALA A 156 11.46 -3.25 19.27
CA ALA A 156 11.50 -1.82 19.58
C ALA A 156 10.08 -1.39 19.87
N ASP A 157 9.90 -0.10 20.09
CA ASP A 157 8.58 0.45 20.31
C ASP A 157 8.59 1.95 19.98
N PHE A 158 7.87 2.34 18.93
CA PHE A 158 7.71 3.76 18.57
C PHE A 158 6.73 4.56 19.44
N GLY A 159 5.88 3.84 20.17
CA GLY A 159 4.92 4.47 21.08
C GLY A 159 3.71 4.97 20.33
N LEU A 160 2.75 4.08 20.07
CA LEU A 160 1.45 4.45 19.47
C LEU A 160 0.27 3.91 20.30
N PHE A 177 -5.92 2.27 18.28
CA PHE A 177 -5.77 0.95 18.89
C PHE A 177 -5.45 -0.04 17.75
N PRO A 178 -4.45 -0.92 17.98
CA PRO A 178 -4.02 -1.80 16.91
C PRO A 178 -4.77 -3.11 17.00
N ILE A 179 -6.07 -3.10 16.79
CA ILE A 179 -6.86 -4.30 17.06
C ILE A 179 -6.60 -5.55 16.20
N LYS A 180 -6.09 -5.38 14.99
CA LYS A 180 -5.92 -6.54 14.10
C LYS A 180 -4.80 -7.45 14.58
N TRP A 181 -3.96 -6.89 15.46
CA TRP A 181 -2.81 -7.58 16.02
C TRP A 181 -2.93 -8.06 17.48
N THR A 182 -4.06 -7.76 18.15
CA THR A 182 -4.20 -7.85 19.59
C THR A 182 -5.02 -9.04 19.94
N ALA A 183 -4.55 -9.82 20.89
CA ALA A 183 -5.31 -10.95 21.34
C ALA A 183 -6.67 -10.44 21.87
N PRO A 184 -7.77 -11.20 21.60
CA PRO A 184 -9.13 -10.79 21.94
C PRO A 184 -9.39 -10.55 23.42
N GLU A 185 -8.71 -11.27 24.30
CA GLU A 185 -8.93 -11.02 25.69
C GLU A 185 -8.21 -9.71 26.13
N ALA A 186 -7.44 -9.15 25.23
CA ALA A 186 -6.68 -7.96 25.53
C ALA A 186 -7.40 -6.79 24.93
N ALA A 187 -7.92 -6.99 23.72
CA ALA A 187 -8.78 -6.00 23.06
C ALA A 187 -10.13 -5.75 23.77
N LEU A 188 -10.63 -6.76 24.49
CA LEU A 188 -11.96 -6.67 25.10
C LEU A 188 -11.95 -6.42 26.59
N TYR A 189 -11.03 -7.09 27.27
CA TYR A 189 -11.03 -7.10 28.73
C TYR A 189 -9.75 -6.53 29.35
N GLY A 190 -8.82 -6.20 28.48
CA GLY A 190 -7.54 -5.65 28.89
C GLY A 190 -6.68 -6.66 29.64
N ARG A 191 -6.92 -7.95 29.40
CA ARG A 191 -5.98 -8.94 29.90
C ARG A 191 -4.75 -9.06 28.95
N PHE A 192 -3.86 -8.06 29.04
CA PHE A 192 -2.53 -7.98 28.38
C PHE A 192 -1.41 -8.78 29.06
N THR A 193 -0.86 -9.76 28.38
CA THR A 193 0.18 -10.59 28.98
C THR A 193 1.21 -11.04 27.93
N ILE A 194 2.24 -11.74 28.39
CA ILE A 194 3.21 -12.31 27.47
C ILE A 194 2.53 -13.25 26.49
N LYS A 195 1.35 -13.75 26.86
CA LYS A 195 0.59 -14.64 25.96
C LYS A 195 -0.29 -13.90 24.98
N SER A 196 -0.74 -12.70 25.33
CA SER A 196 -1.38 -11.87 24.33
C SER A 196 -0.29 -11.34 23.37
N ASP A 197 0.94 -11.16 23.89
CA ASP A 197 2.07 -10.88 23.02
C ASP A 197 2.29 -12.00 21.99
N VAL A 198 2.27 -13.25 22.45
CA VAL A 198 2.40 -14.42 21.57
C VAL A 198 1.40 -14.46 20.40
N TRP A 199 0.16 -14.11 20.66
CA TRP A 199 -0.81 -14.02 19.60
C TRP A 199 -0.36 -12.99 18.54
N SER A 200 0.14 -11.84 19.03
CA SER A 200 0.59 -10.78 18.11
C SER A 200 1.70 -11.33 17.23
N PHE A 201 2.53 -12.19 17.83
CA PHE A 201 3.65 -12.81 17.14
C PHE A 201 3.10 -13.59 15.97
N GLY A 202 2.06 -14.38 16.23
CA GLY A 202 1.36 -15.12 15.18
C GLY A 202 0.88 -14.20 14.07
N ILE A 203 0.47 -13.00 14.44
CA ILE A 203 0.05 -12.04 13.42
C ILE A 203 1.27 -11.58 12.66
N LEU A 204 2.34 -11.26 13.39
CA LEU A 204 3.60 -10.82 12.76
C LEU A 204 4.12 -11.86 11.73
N LEU A 205 4.14 -13.15 12.13
CA LEU A 205 4.39 -14.26 11.16
C LEU A 205 3.58 -14.11 9.85
N THR A 206 2.45 -13.44 9.93
CA THR A 206 1.63 -13.23 8.75
C THR A 206 2.22 -12.12 7.84
N GLU A 207 2.79 -11.05 8.45
CA GLU A 207 3.26 -9.94 7.69
C GLU A 207 4.60 -10.37 7.10
N LEU A 208 5.32 -11.24 7.82
CA LEU A 208 6.58 -11.73 7.33
C LEU A 208 6.38 -12.58 6.09
N THR A 209 5.20 -13.17 5.94
CA THR A 209 4.99 -14.20 4.94
C THR A 209 4.10 -13.68 3.81
N THR A 210 3.52 -12.50 3.97
CA THR A 210 2.79 -11.90 2.85
C THR A 210 3.63 -10.66 2.45
N LYS A 211 4.90 -10.64 2.87
CA LYS A 211 5.76 -9.49 2.76
C LYS A 211 5.02 -8.20 3.12
N GLY A 212 4.49 -8.13 4.32
CA GLY A 212 4.03 -6.84 4.81
C GLY A 212 2.58 -6.47 4.70
N ARG A 213 1.77 -7.28 4.04
CA ARG A 213 0.33 -6.97 3.86
C ARG A 213 -0.47 -6.90 5.10
N VAL A 214 -1.41 -5.97 5.14
CA VAL A 214 -2.28 -5.84 6.31
C VAL A 214 -3.03 -7.15 6.47
N PRO A 215 -2.96 -7.75 7.68
CA PRO A 215 -3.69 -8.99 8.04
C PRO A 215 -5.19 -8.80 7.90
N TYR A 216 -5.92 -9.90 7.62
CA TYR A 216 -7.38 -9.94 7.52
C TYR A 216 -7.83 -9.07 6.38
N PRO A 217 -7.23 -9.23 5.16
CA PRO A 217 -7.45 -8.19 4.15
C PRO A 217 -8.92 -8.02 3.86
N GLY A 218 -9.37 -6.80 3.58
CA GLY A 218 -10.80 -6.54 3.27
C GLY A 218 -11.76 -6.36 4.45
N MET A 219 -11.32 -6.72 5.65
CA MET A 219 -12.09 -6.63 6.84
C MET A 219 -11.75 -5.39 7.68
N VAL A 220 -12.79 -4.73 8.17
CA VAL A 220 -12.60 -3.64 9.09
C VAL A 220 -12.46 -4.25 10.48
N ASN A 221 -11.98 -3.46 11.44
CA ASN A 221 -11.83 -3.95 12.82
C ASN A 221 -13.04 -4.67 13.42
N ARG A 222 -14.24 -4.10 13.29
CA ARG A 222 -15.43 -4.74 13.85
C ARG A 222 -15.65 -6.12 13.26
N GLU A 223 -15.45 -6.25 11.95
CA GLU A 223 -15.62 -7.51 11.23
C GLU A 223 -14.66 -8.58 11.81
N VAL A 224 -13.46 -8.11 12.20
CA VAL A 224 -12.39 -8.93 12.79
C VAL A 224 -12.79 -9.48 14.14
N LEU A 225 -13.05 -8.57 15.07
CA LEU A 225 -13.47 -8.90 16.43
C LEU A 225 -14.62 -9.90 16.46
N ASP A 226 -15.69 -9.64 15.69
CA ASP A 226 -16.87 -10.54 15.61
C ASP A 226 -16.46 -11.94 15.13
N GLN A 227 -15.61 -11.99 14.11
CA GLN A 227 -15.21 -13.22 13.44
C GLN A 227 -14.13 -14.06 14.19
N VAL A 228 -13.05 -13.43 14.64
CA VAL A 228 -12.06 -14.22 15.38
C VAL A 228 -12.72 -14.79 16.63
N GLU A 229 -13.63 -14.02 17.19
CA GLU A 229 -14.41 -14.43 18.35
C GLU A 229 -15.17 -15.72 18.16
N ARG A 230 -15.73 -15.87 16.95
CA ARG A 230 -16.39 -17.10 16.51
C ARG A 230 -15.43 -18.06 15.77
N GLY A 231 -14.13 -18.00 16.10
CA GLY A 231 -13.17 -19.01 15.66
C GLY A 231 -12.47 -18.88 14.31
N TYR A 232 -12.90 -17.93 13.47
CA TYR A 232 -12.17 -17.58 12.24
C TYR A 232 -10.68 -17.28 12.54
N ARG A 233 -9.79 -17.73 11.65
CA ARG A 233 -8.34 -17.52 11.75
C ARG A 233 -7.84 -17.44 10.31
N MET A 234 -6.86 -16.56 10.04
CA MET A 234 -6.36 -16.36 8.68
C MET A 234 -5.93 -17.68 8.05
N PRO A 235 -6.24 -17.91 6.75
CA PRO A 235 -5.75 -19.15 6.15
C PRO A 235 -4.25 -19.15 5.88
N CYS A 236 -3.76 -20.30 5.42
CA CYS A 236 -2.42 -20.39 4.92
C CYS A 236 -2.23 -19.36 3.80
N PRO A 237 -1.31 -18.40 4.03
CA PRO A 237 -0.81 -17.52 3.00
C PRO A 237 -0.35 -18.32 1.79
N PRO A 238 -0.50 -17.75 0.58
CA PRO A 238 0.14 -18.30 -0.65
C PRO A 238 1.63 -18.71 -0.48
N GLU A 239 1.93 -19.95 -0.89
CA GLU A 239 3.26 -20.60 -0.85
C GLU A 239 3.90 -20.77 0.55
N CYS A 240 3.17 -20.59 1.63
CA CYS A 240 3.82 -20.79 2.90
C CYS A 240 3.40 -22.13 3.47
N PRO A 241 4.39 -22.99 3.88
CA PRO A 241 4.20 -24.38 4.34
C PRO A 241 3.12 -24.47 5.41
N GLU A 242 2.28 -25.49 5.37
CA GLU A 242 1.27 -25.68 6.43
C GLU A 242 1.80 -25.67 7.89
N SER A 243 3.02 -26.18 8.05
CA SER A 243 3.73 -26.35 9.30
C SER A 243 4.04 -25.03 9.97
N LEU A 244 4.33 -23.98 9.20
CA LEU A 244 4.35 -22.59 9.75
C LEU A 244 2.97 -21.92 9.98
N HIS A 245 2.02 -22.15 9.06
CA HIS A 245 0.64 -21.72 9.29
C HIS A 245 0.08 -22.32 10.59
N ASP A 246 0.52 -23.52 10.85
CA ASP A 246 0.11 -24.24 11.99
C ASP A 246 0.74 -23.61 13.24
N LEU A 247 1.97 -23.13 13.10
CA LEU A 247 2.59 -22.47 14.21
C LEU A 247 1.80 -21.18 14.49
N MET A 248 1.23 -20.59 13.42
CA MET A 248 0.38 -19.42 13.56
C MET A 248 -0.83 -19.79 14.42
N CYS A 249 -1.64 -20.72 13.90
CA CYS A 249 -2.79 -21.27 14.62
C CYS A 249 -2.58 -21.60 16.09
N GLN A 250 -1.42 -22.19 16.44
CA GLN A 250 -1.03 -22.46 17.84
C GLN A 250 -0.95 -21.12 18.65
N CYS A 251 -0.27 -20.11 18.07
CA CYS A 251 -0.27 -18.75 18.64
C CYS A 251 -1.68 -18.14 18.80
N TRP A 252 -2.65 -18.60 18.00
CA TRP A 252 -3.97 -17.98 18.03
C TRP A 252 -5.06 -18.81 18.69
N ARG A 253 -4.66 -19.72 19.59
CA ARG A 253 -5.62 -20.49 20.39
C ARG A 253 -6.45 -19.57 21.28
N LYS A 254 -7.77 -19.80 21.30
CA LYS A 254 -8.76 -19.06 22.09
C LYS A 254 -8.30 -18.83 23.51
N ASP A 255 -7.79 -19.88 24.13
CA ASP A 255 -7.47 -19.83 25.53
C ASP A 255 -6.02 -19.40 25.67
N PRO A 256 -5.75 -18.29 26.40
CA PRO A 256 -4.41 -17.70 26.36
C PRO A 256 -3.30 -18.66 26.76
N GLU A 257 -3.62 -19.59 27.66
CA GLU A 257 -2.63 -20.50 28.23
C GLU A 257 -2.31 -21.74 27.38
N GLU A 258 -3.13 -22.01 26.37
CA GLU A 258 -2.80 -22.99 25.31
C GLU A 258 -1.68 -22.46 24.36
N ARG A 259 -1.39 -21.16 24.37
CA ARG A 259 -0.40 -20.68 23.41
C ARG A 259 1.02 -21.00 23.86
N PRO A 260 1.92 -21.29 22.90
CA PRO A 260 3.30 -21.62 23.22
C PRO A 260 4.10 -20.43 23.76
N THR A 261 5.23 -20.71 24.39
CA THR A 261 6.13 -19.70 24.88
C THR A 261 7.04 -19.15 23.79
N PHE A 262 7.74 -18.09 24.13
CA PHE A 262 8.68 -17.57 23.16
C PHE A 262 9.86 -18.56 23.07
N GLU A 263 10.33 -19.04 24.21
CA GLU A 263 11.35 -20.07 24.18
C GLU A 263 11.00 -21.18 23.16
N TYR A 264 9.74 -21.65 23.15
CA TYR A 264 9.37 -22.74 22.24
C TYR A 264 9.41 -22.23 20.75
N LEU A 265 8.69 -21.13 20.51
CA LEU A 265 8.69 -20.39 19.23
C LEU A 265 10.12 -20.09 18.79
N GLN A 266 10.98 -19.69 19.71
CA GLN A 266 12.36 -19.42 19.33
C GLN A 266 13.05 -20.64 18.75
N ALA A 267 12.93 -21.77 19.45
CA ALA A 267 13.63 -22.99 19.15
C ALA A 267 13.02 -23.69 17.92
N PHE A 268 11.72 -23.50 17.75
CA PHE A 268 11.05 -24.07 16.60
C PHE A 268 11.54 -23.26 15.34
N LEU A 269 11.80 -21.96 15.50
CA LEU A 269 12.13 -21.18 14.28
C LEU A 269 13.58 -21.34 13.84
N GLU A 270 14.47 -21.45 14.83
CA GLU A 270 15.90 -21.60 14.62
C GLU A 270 16.14 -22.91 13.97
N ASP A 271 15.36 -23.91 14.43
CA ASP A 271 15.55 -25.31 14.01
C ASP A 271 14.77 -25.62 12.74
N TYR A 272 13.94 -24.69 12.30
CA TYR A 272 12.87 -25.03 11.30
C TYR A 272 13.33 -25.88 10.10
N PHE A 273 14.44 -25.51 9.49
CA PHE A 273 14.76 -26.13 8.21
C PHE A 273 15.41 -27.52 8.29
N THR A 274 15.66 -27.97 9.49
CA THR A 274 16.12 -29.32 9.67
C THR A 274 15.00 -30.20 10.23
N SER A 275 14.41 -29.78 11.35
CA SER A 275 13.39 -30.57 12.06
C SER A 275 11.99 -30.63 11.43
N THR A 276 11.60 -29.61 10.65
CA THR A 276 10.19 -29.42 10.28
C THR A 276 9.95 -29.41 8.78
N GLU A 277 10.77 -28.66 8.06
CA GLU A 277 10.58 -28.49 6.61
C GLU A 277 11.95 -28.67 5.90
N PRO A 278 12.54 -29.85 6.02
CA PRO A 278 13.91 -29.97 5.58
C PRO A 278 13.93 -30.32 4.09
N GLN A 279 12.74 -30.47 3.51
CA GLN A 279 12.57 -30.79 2.08
C GLN A 279 12.05 -29.54 1.33
N TYR A 280 12.13 -28.38 2.02
CA TYR A 280 11.77 -27.06 1.48
C TYR A 280 12.58 -26.73 0.22
N GLN A 281 11.88 -26.27 -0.82
CA GLN A 281 12.45 -25.96 -2.14
C GLN A 281 12.02 -24.51 -2.42
N PRO A 282 12.96 -23.62 -2.79
CA PRO A 282 12.47 -22.24 -3.09
C PRO A 282 11.39 -22.17 -4.20
N GLY A 283 10.36 -21.34 -3.97
CA GLY A 283 9.30 -21.08 -4.96
C GLY A 283 9.41 -19.69 -5.58
N GLU A 284 8.31 -19.11 -6.05
CA GLU A 284 8.39 -17.79 -6.71
C GLU A 284 8.43 -16.61 -5.74
N ASN A 285 7.73 -16.73 -4.61
CA ASN A 285 7.65 -15.69 -3.59
C ASN A 285 8.16 -16.07 -2.23
N LEU A 286 7.86 -17.30 -1.85
CA LEU A 286 8.40 -17.88 -0.63
C LEU A 286 9.42 -18.98 -0.94
N LYS B 10 -17.21 -13.86 -38.78
CA LYS B 10 -17.99 -13.40 -37.59
C LYS B 10 -17.78 -14.34 -36.39
N ASP B 11 -17.88 -13.81 -35.18
CA ASP B 11 -17.62 -14.58 -33.95
C ASP B 11 -18.77 -14.56 -32.90
N ALA B 12 -18.58 -15.29 -31.81
CA ALA B 12 -19.64 -15.50 -30.80
C ALA B 12 -20.08 -14.28 -29.97
N TRP B 13 -19.37 -13.17 -30.09
CA TRP B 13 -19.74 -11.92 -29.41
C TRP B 13 -20.79 -11.14 -30.21
N GLU B 14 -21.09 -11.61 -31.43
CA GLU B 14 -21.97 -10.91 -32.36
C GLU B 14 -23.46 -11.01 -32.01
N ILE B 15 -24.15 -9.88 -32.06
CA ILE B 15 -25.61 -9.85 -31.98
C ILE B 15 -26.20 -8.98 -33.14
N PRO B 16 -27.51 -9.03 -33.38
CA PRO B 16 -28.14 -8.19 -34.41
C PRO B 16 -28.22 -6.66 -34.12
N ARG B 17 -28.86 -5.91 -35.04
CA ARG B 17 -29.15 -4.47 -34.91
C ARG B 17 -30.22 -4.21 -33.86
N GLU B 18 -31.24 -5.08 -33.87
CA GLU B 18 -32.50 -4.86 -33.19
C GLU B 18 -32.53 -5.45 -31.79
N SER B 19 -31.44 -6.12 -31.44
CA SER B 19 -31.28 -6.65 -30.09
C SER B 19 -31.20 -5.50 -29.09
N LEU B 20 -30.64 -4.39 -29.54
CA LEU B 20 -30.36 -3.22 -28.70
C LEU B 20 -31.41 -2.13 -28.84
N ARG B 21 -31.58 -1.36 -27.76
CA ARG B 21 -32.42 -0.16 -27.80
C ARG B 21 -31.67 1.04 -27.20
N LEU B 22 -31.21 1.94 -28.07
CA LEU B 22 -30.53 3.17 -27.67
C LEU B 22 -31.53 4.20 -27.15
N GLU B 23 -31.19 4.93 -26.08
CA GLU B 23 -32.07 6.01 -25.62
C GLU B 23 -31.51 7.41 -25.37
N VAL B 24 -30.76 7.59 -24.29
CA VAL B 24 -30.21 8.89 -23.95
C VAL B 24 -28.77 8.92 -24.50
N LYS B 25 -28.41 10.01 -25.17
CA LYS B 25 -27.05 10.20 -25.69
C LYS B 25 -26.14 10.62 -24.55
N LEU B 26 -24.89 10.14 -24.56
CA LEU B 26 -23.93 10.48 -23.50
C LEU B 26 -22.71 11.26 -24.02
N GLY B 27 -22.47 11.15 -25.33
CA GLY B 27 -21.39 11.90 -25.98
C GLY B 27 -21.32 11.69 -27.50
N GLN B 28 -20.95 12.76 -28.21
CA GLN B 28 -20.66 12.73 -29.65
C GLN B 28 -19.16 12.93 -29.92
N GLY B 29 -18.63 12.18 -30.89
CA GLY B 29 -17.23 12.31 -31.35
C GLY B 29 -17.17 12.51 -32.86
N CYS B 30 -16.02 12.23 -33.48
CA CYS B 30 -15.94 12.26 -34.95
C CYS B 30 -15.94 10.87 -35.61
N PHE B 31 -15.46 9.86 -34.88
CA PHE B 31 -15.64 8.46 -35.28
C PHE B 31 -17.11 7.97 -35.13
N GLY B 32 -17.76 8.34 -34.01
CA GLY B 32 -19.18 8.04 -33.75
C GLY B 32 -19.79 8.65 -32.48
N GLU B 33 -20.72 7.92 -31.85
CA GLU B 33 -21.50 8.39 -30.69
C GLU B 33 -21.45 7.40 -29.51
N VAL B 34 -22.02 7.79 -28.38
CA VAL B 34 -22.13 6.92 -27.18
C VAL B 34 -23.49 7.06 -26.51
N TRP B 35 -24.29 5.99 -26.48
CA TRP B 35 -25.66 6.08 -25.94
C TRP B 35 -25.96 5.19 -24.72
N MET B 36 -27.08 5.47 -24.05
CA MET B 36 -27.49 4.81 -22.81
C MET B 36 -28.56 3.75 -23.09
N GLY B 37 -28.17 2.69 -23.80
CA GLY B 37 -29.13 1.72 -24.35
C GLY B 37 -29.73 0.68 -23.42
N THR B 38 -30.57 -0.19 -23.99
CA THR B 38 -31.14 -1.34 -23.29
C THR B 38 -30.99 -2.57 -24.17
N TRP B 39 -30.29 -3.57 -23.66
CA TRP B 39 -29.96 -4.79 -24.43
C TRP B 39 -30.94 -5.93 -24.18
N ASN B 40 -31.53 -6.42 -25.28
CA ASN B 40 -32.68 -7.35 -25.26
C ASN B 40 -33.86 -6.76 -24.48
N GLY B 41 -33.83 -5.44 -24.30
CA GLY B 41 -34.81 -4.71 -23.48
C GLY B 41 -35.01 -5.26 -22.08
N THR B 42 -33.91 -5.62 -21.39
CA THR B 42 -33.98 -6.24 -20.07
C THR B 42 -32.83 -5.80 -19.16
N THR B 43 -31.71 -5.38 -19.76
CA THR B 43 -30.54 -4.93 -19.03
C THR B 43 -29.95 -3.68 -19.68
N ARG B 44 -29.64 -2.70 -18.84
CA ARG B 44 -29.17 -1.37 -19.26
C ARG B 44 -27.72 -1.41 -19.76
N VAL B 45 -27.44 -0.79 -20.90
CA VAL B 45 -26.09 -0.82 -21.46
C VAL B 45 -25.59 0.56 -21.88
N ALA B 46 -24.31 0.62 -22.19
CA ALA B 46 -23.77 1.73 -22.95
C ALA B 46 -23.51 1.20 -24.33
N ILE B 47 -23.66 2.05 -25.34
CA ILE B 47 -23.34 1.62 -26.71
C ILE B 47 -22.50 2.64 -27.48
N LYS B 48 -21.26 2.25 -27.79
CA LYS B 48 -20.31 3.09 -28.55
C LYS B 48 -20.45 2.85 -30.05
N THR B 49 -20.89 3.88 -30.79
CA THR B 49 -21.12 3.75 -32.22
C THR B 49 -20.02 4.38 -33.07
N LEU B 50 -19.89 3.86 -34.29
CA LEU B 50 -19.27 4.56 -35.41
C LEU B 50 -20.24 4.45 -36.59
N LYS B 51 -20.66 5.58 -37.12
CA LYS B 51 -21.62 5.61 -38.23
C LYS B 51 -21.41 6.81 -39.16
N PRO B 52 -20.97 6.56 -40.42
CA PRO B 52 -20.28 5.39 -40.94
C PRO B 52 -18.78 5.67 -41.15
N GLY B 53 -18.11 6.13 -40.09
CA GLY B 53 -16.70 6.53 -40.18
C GLY B 53 -15.76 5.39 -40.54
N SER B 56 -13.08 4.89 -38.96
CA SER B 56 -12.26 4.03 -39.80
C SER B 56 -12.94 2.69 -40.06
N PRO B 57 -13.10 2.32 -41.35
CA PRO B 57 -13.77 1.10 -41.82
C PRO B 57 -13.25 -0.24 -41.25
N GLU B 58 -11.96 -0.52 -41.47
CA GLU B 58 -11.34 -1.79 -41.06
C GLU B 58 -10.72 -1.72 -39.66
N ALA B 59 -10.24 -0.52 -39.29
CA ALA B 59 -9.37 -0.32 -38.13
C ALA B 59 -10.09 -0.08 -36.80
N PHE B 60 -11.37 0.28 -36.85
CA PHE B 60 -12.13 0.61 -35.63
C PHE B 60 -12.65 -0.60 -34.83
N LEU B 61 -13.01 -1.67 -35.55
CA LEU B 61 -13.67 -2.81 -34.91
C LEU B 61 -12.77 -3.69 -34.05
N GLN B 62 -11.47 -3.66 -34.31
CA GLN B 62 -10.49 -4.40 -33.49
C GLN B 62 -10.25 -3.76 -32.12
N GLU B 63 -11.22 -2.96 -31.67
CA GLU B 63 -11.26 -2.45 -30.31
C GLU B 63 -11.95 -3.50 -29.42
N ALA B 64 -12.78 -4.31 -30.05
CA ALA B 64 -13.34 -5.46 -29.38
C ALA B 64 -12.26 -6.54 -29.17
N GLN B 65 -11.39 -6.72 -30.17
CA GLN B 65 -10.33 -7.76 -30.12
C GLN B 65 -9.61 -7.69 -28.80
N VAL B 66 -9.36 -6.44 -28.40
CA VAL B 66 -8.72 -6.10 -27.16
C VAL B 66 -9.69 -6.39 -26.02
N MET B 67 -10.94 -5.93 -26.12
CA MET B 67 -11.91 -6.04 -25.01
C MET B 67 -12.39 -7.46 -24.72
N LYS B 68 -12.41 -8.29 -25.77
CA LYS B 68 -12.87 -9.68 -25.70
C LYS B 68 -11.86 -10.56 -24.96
N LYS B 69 -10.57 -10.25 -25.09
CA LYS B 69 -9.56 -11.03 -24.41
C LYS B 69 -9.48 -10.63 -22.94
N LEU B 70 -9.71 -9.36 -22.66
CA LEU B 70 -9.58 -8.81 -21.31
C LEU B 70 -10.88 -8.93 -20.50
N ARG B 71 -10.78 -9.39 -19.27
CA ARG B 71 -11.94 -9.61 -18.42
C ARG B 71 -11.57 -9.51 -16.94
N HIS B 72 -12.18 -8.59 -16.20
CA HIS B 72 -11.81 -8.31 -14.81
C HIS B 72 -12.85 -7.41 -14.16
N GLU B 73 -13.05 -7.52 -12.84
CA GLU B 73 -14.01 -6.65 -12.14
C GLU B 73 -13.68 -5.15 -12.22
N LYS B 74 -12.42 -4.79 -12.35
CA LYS B 74 -12.06 -3.36 -12.41
C LYS B 74 -11.79 -2.83 -13.83
N LEU B 75 -12.18 -3.61 -14.83
CA LEU B 75 -12.24 -3.13 -16.20
C LEU B 75 -13.68 -3.19 -16.72
N VAL B 76 -14.04 -2.23 -17.56
CA VAL B 76 -15.35 -2.24 -18.18
C VAL B 76 -15.58 -3.46 -19.08
N GLN B 77 -16.74 -4.07 -18.90
CA GLN B 77 -17.00 -5.36 -19.54
C GLN B 77 -17.60 -5.13 -20.92
N LEU B 78 -17.00 -5.74 -21.94
CA LEU B 78 -17.67 -5.91 -23.24
C LEU B 78 -18.89 -6.83 -23.03
N TYR B 79 -20.00 -6.53 -23.69
CA TYR B 79 -21.15 -7.44 -23.72
C TYR B 79 -21.34 -8.04 -25.11
N ALA B 80 -21.43 -7.17 -26.12
CA ALA B 80 -21.84 -7.56 -27.48
C ALA B 80 -21.30 -6.62 -28.56
N VAL B 81 -21.20 -7.15 -29.78
CA VAL B 81 -20.74 -6.36 -30.92
C VAL B 81 -21.67 -6.58 -32.10
N VAL B 82 -22.00 -5.49 -32.79
CA VAL B 82 -22.61 -5.55 -34.11
C VAL B 82 -21.48 -5.14 -35.05
N SER B 83 -21.00 -6.09 -35.84
CA SER B 83 -19.67 -6.02 -36.50
C SER B 83 -19.43 -4.90 -37.53
N GLU B 84 -20.22 -4.83 -38.60
CA GLU B 84 -20.01 -3.81 -39.65
C GLU B 84 -20.73 -2.50 -39.37
N GLU B 85 -20.75 -1.57 -40.35
CA GLU B 85 -21.35 -0.24 -40.17
C GLU B 85 -22.89 -0.20 -40.31
N PRO B 86 -23.57 0.47 -39.36
CA PRO B 86 -22.97 1.15 -38.22
C PRO B 86 -22.58 0.15 -37.12
N ILE B 87 -21.37 0.29 -36.61
CA ILE B 87 -20.88 -0.61 -35.57
C ILE B 87 -21.49 -0.24 -34.20
N TYR B 88 -21.48 -1.22 -33.31
CA TYR B 88 -21.91 -1.01 -31.95
C TYR B 88 -21.03 -1.88 -31.09
N ILE B 89 -20.19 -1.27 -30.26
CA ILE B 89 -19.50 -2.02 -29.23
C ILE B 89 -20.34 -1.80 -27.97
N VAL B 90 -20.88 -2.88 -27.43
CA VAL B 90 -21.79 -2.76 -26.29
C VAL B 90 -21.15 -3.19 -24.97
N THR B 91 -21.22 -2.32 -23.97
CA THR B 91 -20.59 -2.57 -22.69
C THR B 91 -21.59 -2.44 -21.54
N GLU B 92 -21.17 -2.83 -20.34
CA GLU B 92 -21.93 -2.47 -19.13
C GLU B 92 -22.03 -0.94 -18.98
N TYR B 93 -23.02 -0.52 -18.19
CA TYR B 93 -23.31 0.88 -17.92
C TYR B 93 -22.73 1.35 -16.61
N MET B 94 -21.95 2.40 -16.64
CA MET B 94 -21.40 2.93 -15.39
C MET B 94 -22.17 4.19 -15.03
N SER B 95 -23.00 4.12 -14.00
CA SER B 95 -24.03 5.14 -13.80
C SER B 95 -23.54 6.53 -13.44
N LYS B 96 -22.27 6.68 -13.09
CA LYS B 96 -21.77 7.98 -12.64
C LYS B 96 -20.85 8.69 -13.65
N GLY B 97 -20.82 8.23 -14.90
CA GLY B 97 -19.97 8.87 -15.93
C GLY B 97 -18.48 8.85 -15.64
N CYS B 98 -17.70 9.62 -16.40
CA CYS B 98 -16.27 9.47 -16.27
C CYS B 98 -15.70 10.05 -14.98
N LEU B 99 -14.53 9.57 -14.58
CA LEU B 99 -13.89 10.01 -13.33
C LEU B 99 -13.54 11.51 -13.32
N LEU B 100 -13.07 12.05 -14.43
CA LEU B 100 -12.73 13.45 -14.51
C LEU B 100 -13.90 14.38 -14.26
N ASP B 101 -15.11 13.98 -14.70
CA ASP B 101 -16.28 14.84 -14.51
C ASP B 101 -16.87 14.67 -13.12
N PHE B 102 -16.71 13.49 -12.54
CA PHE B 102 -17.12 13.26 -11.19
C PHE B 102 -16.38 14.13 -10.19
N LEU B 103 -15.07 14.15 -10.37
CA LEU B 103 -14.08 14.77 -9.49
C LEU B 103 -14.28 16.29 -9.50
N LYS B 104 -14.58 16.84 -10.70
CA LYS B 104 -14.80 18.29 -10.84
C LYS B 104 -16.22 18.72 -10.47
N GLY B 105 -17.21 17.84 -10.63
CA GLY B 105 -18.61 18.14 -10.40
C GLY B 105 -19.08 18.28 -8.96
N GLU B 106 -20.41 18.27 -8.75
CA GLU B 106 -21.07 18.25 -7.42
C GLU B 106 -20.31 17.43 -6.39
N MET B 107 -19.92 16.21 -6.76
CA MET B 107 -19.19 15.30 -5.88
C MET B 107 -17.79 15.74 -5.49
N GLY B 108 -17.14 16.51 -6.34
CA GLY B 108 -15.81 17.06 -6.04
C GLY B 108 -15.58 17.46 -4.61
N LYS B 109 -16.48 18.24 -4.04
CA LYS B 109 -16.29 18.86 -2.75
C LYS B 109 -16.42 17.89 -1.57
N TYR B 110 -17.05 16.74 -1.75
CA TYR B 110 -17.21 15.83 -0.62
C TYR B 110 -16.13 14.75 -0.50
N LEU B 111 -15.54 14.39 -1.64
CA LEU B 111 -14.44 13.47 -1.73
C LEU B 111 -13.29 13.83 -0.80
N ARG B 112 -12.88 12.84 0.00
CA ARG B 112 -11.70 12.99 0.82
C ARG B 112 -10.64 11.95 0.46
N LEU B 113 -9.42 12.22 0.92
CA LEU B 113 -8.33 11.24 0.71
C LEU B 113 -8.82 9.77 0.81
N PRO B 114 -9.40 9.34 1.96
CA PRO B 114 -9.82 7.94 1.99
C PRO B 114 -10.60 7.51 0.77
N GLN B 115 -11.46 8.36 0.22
CA GLN B 115 -12.28 7.83 -0.90
C GLN B 115 -11.42 7.79 -2.15
N LEU B 116 -10.53 8.80 -2.28
CA LEU B 116 -9.70 9.01 -3.48
C LEU B 116 -8.61 7.98 -3.54
N VAL B 117 -8.07 7.63 -2.38
CA VAL B 117 -7.10 6.55 -2.35
C VAL B 117 -7.80 5.21 -2.68
N ASP B 118 -8.97 5.03 -2.14
CA ASP B 118 -9.77 3.90 -2.56
C ASP B 118 -10.02 3.83 -4.03
N MET B 119 -10.41 4.93 -4.67
CA MET B 119 -10.60 4.86 -6.12
C MET B 119 -9.29 4.51 -6.81
N ALA B 120 -8.21 5.01 -6.24
CA ALA B 120 -6.90 4.88 -6.85
C ALA B 120 -6.54 3.41 -6.79
N ALA B 121 -6.85 2.78 -5.64
CA ALA B 121 -6.61 1.35 -5.41
C ALA B 121 -7.41 0.45 -6.40
N GLN B 122 -8.60 0.86 -6.79
CA GLN B 122 -9.31 0.03 -7.73
C GLN B 122 -8.79 0.18 -9.14
N ILE B 123 -8.27 1.33 -9.50
CA ILE B 123 -7.75 1.43 -10.86
C ILE B 123 -6.49 0.58 -10.88
N ALA B 124 -5.56 0.87 -9.96
CA ALA B 124 -4.33 0.05 -9.82
C ALA B 124 -4.60 -1.41 -9.92
N SER B 125 -5.72 -1.86 -9.34
CA SER B 125 -6.16 -3.24 -9.48
C SER B 125 -6.50 -3.66 -10.95
N GLY B 126 -7.24 -2.81 -11.65
CA GLY B 126 -7.56 -3.02 -13.02
C GLY B 126 -6.28 -3.10 -13.81
N MET B 127 -5.41 -2.10 -13.62
CA MET B 127 -4.15 -1.99 -14.38
C MET B 127 -3.17 -3.13 -14.04
N ALA B 128 -3.37 -3.75 -12.88
CA ALA B 128 -2.48 -4.82 -12.43
C ALA B 128 -2.89 -6.08 -13.14
N TYR B 129 -4.19 -6.22 -13.38
CA TYR B 129 -4.68 -7.30 -14.20
C TYR B 129 -4.18 -7.11 -15.63
N VAL B 130 -4.11 -5.85 -16.09
CA VAL B 130 -3.55 -5.52 -17.40
C VAL B 130 -2.06 -5.91 -17.48
N GLU B 131 -1.32 -5.68 -16.41
CA GLU B 131 0.12 -5.97 -16.37
C GLU B 131 0.36 -7.50 -16.30
N ARG B 132 -0.54 -8.23 -15.64
CA ARG B 132 -0.48 -9.70 -15.67
C ARG B 132 -0.78 -10.23 -17.09
N MET B 133 -1.58 -9.51 -17.84
CA MET B 133 -1.95 -9.94 -19.18
C MET B 133 -0.93 -9.55 -20.23
N ASN B 134 0.16 -8.93 -19.80
CA ASN B 134 1.19 -8.39 -20.70
C ASN B 134 0.59 -7.47 -21.79
N TYR B 135 -0.42 -6.68 -21.40
CA TYR B 135 -0.97 -5.66 -22.28
C TYR B 135 -0.53 -4.25 -21.84
N VAL B 136 -0.71 -3.29 -22.74
CA VAL B 136 -0.37 -1.90 -22.51
C VAL B 136 -1.64 -1.06 -22.75
N HIS B 137 -1.82 0.01 -21.98
CA HIS B 137 -3.05 0.79 -22.11
C HIS B 137 -2.83 1.96 -23.04
N ARG B 138 -1.86 2.82 -22.69
CA ARG B 138 -1.40 3.94 -23.51
C ARG B 138 -2.23 5.19 -23.33
N ASP B 139 -3.35 5.10 -22.60
CA ASP B 139 -4.21 6.28 -22.40
C ASP B 139 -4.84 6.36 -21.00
N LEU B 140 -4.12 5.82 -20.02
CA LEU B 140 -4.53 5.93 -18.64
C LEU B 140 -4.59 7.42 -18.24
N ARG B 141 -5.78 7.88 -17.88
CA ARG B 141 -5.97 9.20 -17.34
C ARG B 141 -7.39 9.23 -16.75
N ALA B 142 -7.66 10.17 -15.85
CA ALA B 142 -9.00 10.24 -15.28
C ALA B 142 -10.14 10.19 -16.32
N ALA B 143 -9.94 10.79 -17.49
CA ALA B 143 -10.97 10.82 -18.50
C ALA B 143 -11.29 9.43 -19.04
N ASN B 144 -10.49 8.43 -18.73
CA ASN B 144 -10.77 7.12 -19.23
C ASN B 144 -11.13 6.16 -18.11
N ILE B 145 -11.49 6.71 -16.95
CA ILE B 145 -12.03 5.90 -15.89
C ILE B 145 -13.52 6.18 -15.80
N LEU B 146 -14.34 5.13 -15.79
CA LEU B 146 -15.78 5.24 -15.52
C LEU B 146 -16.07 4.95 -14.02
N VAL B 147 -17.19 5.44 -13.50
CA VAL B 147 -17.49 5.44 -12.06
C VAL B 147 -18.89 4.94 -11.97
N GLY B 148 -19.12 4.01 -11.05
CA GLY B 148 -20.43 3.44 -10.90
C GLY B 148 -20.98 3.78 -9.53
N GLU B 149 -22.05 3.06 -9.16
CA GLU B 149 -22.61 3.22 -7.83
C GLU B 149 -21.57 2.82 -6.80
N ASN B 150 -21.69 3.38 -5.59
CA ASN B 150 -20.85 2.95 -4.47
C ASN B 150 -19.36 3.23 -4.70
N LEU B 151 -19.04 4.20 -5.54
CA LEU B 151 -17.67 4.60 -5.78
C LEU B 151 -16.81 3.64 -6.57
N VAL B 152 -17.40 2.58 -7.11
CA VAL B 152 -16.69 1.61 -7.94
C VAL B 152 -16.08 2.31 -9.11
N CYS B 153 -14.80 2.11 -9.37
CA CYS B 153 -14.15 2.67 -10.58
C CYS B 153 -13.69 1.58 -11.52
N LYS B 154 -13.76 1.80 -12.82
CA LYS B 154 -13.37 0.76 -13.75
C LYS B 154 -12.54 1.36 -14.87
N VAL B 155 -11.39 0.75 -15.18
CA VAL B 155 -10.58 1.17 -16.35
C VAL B 155 -11.34 0.98 -17.67
N ALA B 156 -11.32 2.01 -18.52
CA ALA B 156 -11.97 2.02 -19.84
C ALA B 156 -11.09 2.75 -20.85
N ASP B 157 -11.61 2.94 -22.07
CA ASP B 157 -10.94 3.80 -23.06
C ASP B 157 -11.94 4.39 -24.07
N PHE B 158 -12.08 5.71 -24.08
CA PHE B 158 -12.99 6.37 -25.02
C PHE B 158 -12.55 6.33 -26.51
N GLY B 159 -11.24 6.14 -26.74
CA GLY B 159 -10.69 5.95 -28.09
C GLY B 159 -10.12 7.21 -28.73
N LEU B 160 -9.63 8.13 -27.88
CA LEU B 160 -9.03 9.40 -28.29
C LEU B 160 -7.62 9.57 -27.69
N PHE B 177 -1.16 11.32 -28.46
CA PHE B 177 -1.49 11.04 -27.05
C PHE B 177 -1.29 12.30 -26.17
N PRO B 178 -2.23 12.56 -25.24
CA PRO B 178 -2.14 13.80 -24.47
C PRO B 178 -0.84 13.73 -23.68
N ILE B 179 0.14 14.52 -24.08
CA ILE B 179 1.48 14.31 -23.59
C ILE B 179 1.68 14.63 -22.09
N LYS B 180 0.73 15.34 -21.49
CA LYS B 180 0.88 15.70 -20.10
C LYS B 180 0.67 14.49 -19.19
N TRP B 181 0.28 13.37 -19.78
CA TRP B 181 -0.03 12.12 -19.10
C TRP B 181 0.92 11.00 -19.51
N THR B 182 1.71 11.28 -20.53
CA THR B 182 2.45 10.29 -21.26
C THR B 182 3.89 10.43 -20.82
N ALA B 183 4.50 9.29 -20.51
CA ALA B 183 5.89 9.21 -20.08
C ALA B 183 6.80 9.54 -21.24
N PRO B 184 7.92 10.25 -20.96
CA PRO B 184 8.84 10.68 -22.01
C PRO B 184 9.12 9.60 -23.04
N GLU B 185 9.54 8.41 -22.61
CA GLU B 185 10.07 7.43 -23.55
C GLU B 185 9.01 7.13 -24.59
N ALA B 186 7.78 7.28 -24.17
CA ALA B 186 6.63 7.10 -25.02
C ALA B 186 6.37 8.34 -25.91
N ALA B 187 6.22 9.52 -25.31
CA ALA B 187 5.92 10.73 -26.08
C ALA B 187 6.97 11.04 -27.15
N LEU B 188 8.22 10.67 -26.87
CA LEU B 188 9.37 11.05 -27.68
C LEU B 188 9.80 9.97 -28.67
N TYR B 189 9.94 8.74 -28.16
CA TYR B 189 10.48 7.61 -28.89
C TYR B 189 9.50 6.45 -29.12
N GLY B 190 8.24 6.65 -28.80
CA GLY B 190 7.28 5.58 -29.00
C GLY B 190 7.52 4.31 -28.18
N ARG B 191 8.26 4.39 -27.06
CA ARG B 191 8.30 3.27 -26.11
C ARG B 191 7.12 3.20 -25.12
N PHE B 192 6.00 2.72 -25.61
CA PHE B 192 4.81 2.48 -24.79
C PHE B 192 4.94 1.12 -24.16
N THR B 193 4.88 1.06 -22.85
CA THR B 193 5.05 -0.20 -22.12
C THR B 193 4.15 -0.13 -20.91
N ILE B 194 4.03 -1.22 -20.18
CA ILE B 194 3.25 -1.24 -18.95
C ILE B 194 3.83 -0.21 -17.98
N LYS B 195 5.12 0.13 -18.17
CA LYS B 195 5.86 1.09 -17.31
C LYS B 195 5.60 2.56 -17.65
N SER B 196 5.21 2.85 -18.89
CA SER B 196 4.76 4.19 -19.19
C SER B 196 3.29 4.32 -18.70
N ASP B 197 2.53 3.22 -18.81
CA ASP B 197 1.25 3.21 -18.14
C ASP B 197 1.37 3.61 -16.67
N VAL B 198 2.45 3.20 -16.00
CA VAL B 198 2.66 3.57 -14.59
C VAL B 198 2.94 5.06 -14.42
N TRP B 199 3.65 5.67 -15.38
CA TRP B 199 3.87 7.13 -15.39
C TRP B 199 2.51 7.82 -15.31
N SER B 200 1.63 7.46 -16.24
CA SER B 200 0.32 8.10 -16.38
C SER B 200 -0.44 7.92 -15.10
N PHE B 201 -0.32 6.72 -14.53
CA PHE B 201 -0.96 6.47 -13.28
C PHE B 201 -0.50 7.54 -12.29
N GLY B 202 0.79 7.85 -12.29
CA GLY B 202 1.31 8.83 -11.30
C GLY B 202 0.68 10.20 -11.53
N ILE B 203 0.58 10.59 -12.81
CA ILE B 203 -0.20 11.75 -13.19
C ILE B 203 -1.69 11.64 -12.71
N LEU B 204 -2.39 10.55 -13.06
CA LEU B 204 -3.78 10.33 -12.58
C LEU B 204 -3.94 10.50 -11.06
N LEU B 205 -2.95 10.05 -10.30
CA LEU B 205 -2.84 10.37 -8.85
C LEU B 205 -2.95 11.86 -8.56
N THR B 206 -2.34 12.74 -9.35
CA THR B 206 -2.53 14.19 -9.08
C THR B 206 -3.93 14.67 -9.38
N GLU B 207 -4.57 14.14 -10.44
CA GLU B 207 -5.90 14.53 -10.80
C GLU B 207 -6.83 14.18 -9.63
N LEU B 208 -6.52 13.07 -8.93
CA LEU B 208 -7.37 12.54 -7.90
C LEU B 208 -7.22 13.43 -6.70
N THR B 209 -6.02 13.99 -6.56
CA THR B 209 -5.72 14.75 -5.38
C THR B 209 -6.00 16.24 -5.59
N THR B 210 -6.22 16.69 -6.83
CA THR B 210 -6.60 18.14 -7.03
C THR B 210 -8.04 18.23 -7.46
N LYS B 211 -8.85 17.22 -7.14
CA LYS B 211 -10.19 17.04 -7.70
C LYS B 211 -10.30 17.37 -9.22
N GLY B 212 -9.38 16.92 -10.05
CA GLY B 212 -9.60 17.11 -11.49
C GLY B 212 -8.74 18.10 -12.27
N ARG B 213 -7.98 18.94 -11.57
CA ARG B 213 -7.15 19.90 -12.26
C ARG B 213 -6.23 19.27 -13.25
N VAL B 214 -6.24 19.80 -14.47
CA VAL B 214 -5.16 19.56 -15.44
C VAL B 214 -3.79 19.60 -14.75
N PRO B 215 -2.95 18.57 -14.97
CA PRO B 215 -1.59 18.57 -14.49
C PRO B 215 -0.73 19.64 -15.16
N TYR B 216 0.31 20.10 -14.45
CA TYR B 216 1.23 21.12 -14.97
C TYR B 216 0.50 22.42 -15.24
N PRO B 217 -0.18 22.96 -14.22
CA PRO B 217 -1.03 24.12 -14.49
C PRO B 217 -0.14 25.25 -14.93
N GLY B 218 -0.62 26.04 -15.89
CA GLY B 218 0.16 27.12 -16.50
C GLY B 218 1.15 26.71 -17.60
N MET B 219 1.45 25.41 -17.69
CA MET B 219 2.41 24.99 -18.71
C MET B 219 1.71 24.40 -19.94
N VAL B 220 2.19 24.77 -21.11
CA VAL B 220 1.72 24.20 -22.35
C VAL B 220 2.55 22.93 -22.67
N ASN B 221 1.99 22.03 -23.48
CA ASN B 221 2.70 20.82 -23.96
C ASN B 221 4.22 20.94 -24.18
N ARG B 222 4.61 21.82 -25.07
CA ARG B 222 6.00 22.02 -25.39
C ARG B 222 6.85 22.32 -24.14
N GLU B 223 6.29 23.08 -23.20
CA GLU B 223 7.00 23.50 -22.00
C GLU B 223 7.14 22.32 -21.03
N VAL B 224 6.26 21.32 -21.21
CA VAL B 224 6.23 20.12 -20.37
C VAL B 224 7.31 19.08 -20.69
N LEU B 225 7.38 18.64 -21.95
CA LEU B 225 8.51 17.80 -22.43
C LEU B 225 9.84 18.36 -21.95
N ASP B 226 10.08 19.64 -22.23
CA ASP B 226 11.35 20.31 -21.89
C ASP B 226 11.69 20.25 -20.41
N GLN B 227 10.67 20.46 -19.59
CA GLN B 227 10.84 20.47 -18.16
C GLN B 227 10.97 19.05 -17.59
N VAL B 228 10.08 18.12 -17.93
CA VAL B 228 10.24 16.82 -17.32
C VAL B 228 11.57 16.21 -17.71
N GLU B 229 11.95 16.39 -18.96
CA GLU B 229 13.23 15.91 -19.50
C GLU B 229 14.45 16.49 -18.76
N ARG B 230 14.32 17.71 -18.22
CA ARG B 230 15.37 18.37 -17.41
C ARG B 230 15.29 18.07 -15.88
N GLY B 231 14.46 17.09 -15.50
CA GLY B 231 14.28 16.74 -14.10
C GLY B 231 12.99 17.16 -13.43
N TYR B 232 12.38 18.26 -13.89
CA TYR B 232 11.10 18.75 -13.34
C TYR B 232 9.98 17.68 -13.02
N ARG B 233 9.37 17.81 -11.83
CA ARG B 233 8.18 17.03 -11.42
C ARG B 233 7.22 17.91 -10.59
N MET B 234 5.91 17.70 -10.77
CA MET B 234 4.89 18.47 -10.02
C MET B 234 5.12 18.32 -8.52
N PRO B 235 4.96 19.40 -7.74
CA PRO B 235 5.18 19.32 -6.27
C PRO B 235 4.05 18.61 -5.52
N CYS B 236 4.20 18.53 -4.21
CA CYS B 236 3.16 17.99 -3.38
C CYS B 236 1.94 18.91 -3.42
N PRO B 237 0.78 18.39 -3.91
CA PRO B 237 -0.54 18.99 -3.92
C PRO B 237 -0.95 19.50 -2.54
N PRO B 238 -1.62 20.66 -2.50
CA PRO B 238 -1.94 21.18 -1.16
C PRO B 238 -2.79 20.17 -0.36
N GLU B 239 -2.40 19.92 0.89
CA GLU B 239 -3.05 18.95 1.80
C GLU B 239 -2.82 17.48 1.45
N CYS B 240 -2.01 17.17 0.46
CA CYS B 240 -1.83 15.77 0.16
C CYS B 240 -0.57 15.27 0.86
N PRO B 241 -0.64 14.13 1.63
CA PRO B 241 0.52 13.69 2.45
C PRO B 241 1.76 13.44 1.61
N GLU B 242 2.94 13.49 2.20
CA GLU B 242 4.17 13.44 1.39
C GLU B 242 4.44 12.02 0.88
N SER B 243 4.20 11.02 1.75
CA SER B 243 4.13 9.63 1.37
C SER B 243 3.42 9.37 0.04
N LEU B 244 2.30 10.03 -0.22
CA LEU B 244 1.60 9.87 -1.52
C LEU B 244 2.27 10.60 -2.68
N HIS B 245 2.90 11.74 -2.42
CA HIS B 245 3.75 12.43 -3.43
C HIS B 245 5.01 11.62 -3.75
N ASP B 246 5.55 10.91 -2.76
CA ASP B 246 6.69 10.05 -2.98
C ASP B 246 6.30 8.92 -3.95
N LEU B 247 5.08 8.39 -3.78
CA LEU B 247 4.55 7.36 -4.66
C LEU B 247 4.44 7.90 -6.10
N MET B 248 3.96 9.13 -6.21
CA MET B 248 3.90 9.80 -7.51
C MET B 248 5.28 9.84 -8.13
N CYS B 249 6.25 10.41 -7.40
CA CYS B 249 7.64 10.50 -7.89
C CYS B 249 8.30 9.19 -8.32
N GLN B 250 8.13 8.14 -7.52
CA GLN B 250 8.48 6.78 -7.93
C GLN B 250 7.84 6.36 -9.26
N CYS B 251 6.60 6.78 -9.49
CA CYS B 251 5.91 6.49 -10.74
C CYS B 251 6.49 7.29 -11.86
N TRP B 252 7.15 8.40 -11.54
CA TRP B 252 7.74 9.28 -12.57
C TRP B 252 9.28 9.23 -12.65
N ARG B 253 9.90 8.13 -12.23
CA ARG B 253 11.35 7.99 -12.38
C ARG B 253 11.79 7.99 -13.85
N LYS B 254 12.86 8.74 -14.13
CA LYS B 254 13.42 8.92 -15.50
C LYS B 254 13.52 7.60 -16.28
N ASP B 255 13.69 6.54 -15.53
CA ASP B 255 14.14 5.29 -16.10
C ASP B 255 13.03 4.29 -15.97
N PRO B 256 12.48 3.81 -17.11
CA PRO B 256 11.21 3.06 -17.06
C PRO B 256 11.33 1.91 -16.06
N GLU B 257 12.42 1.17 -16.17
CA GLU B 257 12.71 0.01 -15.32
C GLU B 257 12.61 0.28 -13.81
N GLU B 258 12.82 1.53 -13.41
CA GLU B 258 12.89 1.94 -12.01
C GLU B 258 11.50 2.28 -11.42
N ARG B 259 10.49 2.36 -12.27
CA ARG B 259 9.11 2.59 -11.83
C ARG B 259 8.54 1.31 -11.16
N PRO B 260 7.58 1.49 -10.24
CA PRO B 260 6.91 0.36 -9.56
C PRO B 260 5.88 -0.37 -10.42
N THR B 261 5.62 -1.63 -10.08
CA THR B 261 4.54 -2.35 -10.71
C THR B 261 3.15 -1.99 -10.14
N PHE B 262 2.16 -2.37 -10.93
CA PHE B 262 0.84 -2.06 -10.53
C PHE B 262 0.54 -2.85 -9.30
N GLU B 263 1.24 -3.98 -9.17
CA GLU B 263 1.05 -4.89 -8.07
C GLU B 263 1.57 -4.24 -6.83
N TYR B 264 2.79 -3.67 -6.89
CA TYR B 264 3.22 -2.84 -5.79
C TYR B 264 2.14 -1.72 -5.49
N LEU B 265 1.81 -0.92 -6.51
CA LEU B 265 0.81 0.15 -6.42
C LEU B 265 -0.57 -0.31 -5.92
N GLN B 266 -1.06 -1.49 -6.32
CA GLN B 266 -2.34 -1.92 -5.86
C GLN B 266 -2.26 -2.14 -4.35
N ALA B 267 -1.21 -2.80 -3.87
CA ALA B 267 -1.16 -3.27 -2.51
C ALA B 267 -0.88 -2.09 -1.58
N PHE B 268 0.05 -1.23 -2.03
CA PHE B 268 0.45 -0.07 -1.26
C PHE B 268 -0.80 0.80 -1.06
N LEU B 269 -1.64 0.88 -2.10
CA LEU B 269 -2.83 1.72 -1.96
C LEU B 269 -3.95 1.12 -1.13
N GLU B 270 -4.21 -0.16 -1.32
CA GLU B 270 -5.21 -0.87 -0.50
C GLU B 270 -4.88 -0.74 0.98
N ASP B 271 -3.60 -0.80 1.30
CA ASP B 271 -3.09 -0.87 2.68
C ASP B 271 -2.82 0.54 3.31
N TYR B 272 -2.96 1.62 2.54
CA TYR B 272 -2.41 2.96 2.88
C TYR B 272 -2.67 3.53 4.31
N PHE B 273 -3.89 3.29 4.80
CA PHE B 273 -4.36 3.95 6.00
C PHE B 273 -3.95 3.16 7.25
N THR B 274 -3.31 2.01 7.01
CA THR B 274 -2.71 1.29 8.11
C THR B 274 -1.17 1.33 8.14
N SER B 275 -0.56 1.13 6.98
CA SER B 275 0.88 0.90 6.91
C SER B 275 1.70 2.14 6.63
N THR B 276 1.08 3.18 6.08
CA THR B 276 1.80 4.33 5.55
C THR B 276 1.38 5.62 6.25
N GLU B 277 0.06 5.77 6.46
CA GLU B 277 -0.48 6.99 7.07
C GLU B 277 -1.58 6.68 8.08
N PRO B 278 -1.27 5.89 9.13
CA PRO B 278 -2.27 5.57 10.14
C PRO B 278 -2.65 6.77 11.03
N GLN B 279 -1.88 7.86 10.96
CA GLN B 279 -2.22 9.05 11.76
C GLN B 279 -2.89 10.13 10.89
N TYR B 280 -3.43 9.67 9.75
CA TYR B 280 -4.18 10.52 8.87
C TYR B 280 -5.37 11.17 9.60
N GLN B 281 -5.42 12.51 9.64
CA GLN B 281 -6.57 13.32 10.12
C GLN B 281 -7.23 14.03 8.92
N PRO B 282 -8.59 14.09 8.85
CA PRO B 282 -9.22 14.80 7.69
C PRO B 282 -9.04 16.32 7.77
N GLY B 283 -8.90 16.97 6.62
CA GLY B 283 -8.83 18.43 6.63
C GLY B 283 -9.87 19.04 5.71
N GLU B 284 -9.68 20.29 5.31
CA GLU B 284 -10.70 20.99 4.51
C GLU B 284 -11.02 20.36 3.15
N ASN B 285 -10.00 20.03 2.34
CA ASN B 285 -10.21 19.43 1.01
C ASN B 285 -9.79 17.98 0.88
N LEU B 286 -8.81 17.59 1.67
CA LEU B 286 -8.35 16.21 1.67
C LEU B 286 -8.40 15.65 3.10
CBB 1AW C . 13.50 5.23 20.12
CBA 1AW C . 13.89 5.74 18.87
CAN 1AW C . 13.53 5.06 17.69
CAI 1AW C . 12.77 3.90 17.78
CAL 1AW C . 12.39 3.40 19.05
CAX 1AW C . 12.75 4.06 20.22
NAS 1AW C . 12.40 3.62 21.43
CAU 1AW C . 12.04 2.37 21.74
OAE 1AW C . 11.96 1.46 20.91
NAT 1AW C . 11.74 2.22 23.04
CAZ 1AW C . 11.36 1.08 23.67
CAQ 1AW C . 11.92 -0.12 23.53
CAY 1AW C . 11.22 -0.91 24.35
CBD 1AW C . 11.46 -2.43 24.57
CAB 1AW C . 12.97 -2.60 24.74
CAC 1AW C . 10.69 -2.91 25.79
CAA 1AW C . 10.99 -3.26 23.40
NAR 1AW C . 10.30 -0.21 24.97
NBC 1AW C . 10.37 0.95 24.57
CAW 1AW C . 9.56 1.92 25.03
CAP 1AW C . 8.87 2.82 24.19
CAK 1AW C . 9.44 2.03 26.43
CAH 1AW C . 8.62 3.00 26.99
CAJ 1AW C . 7.93 3.87 26.14
CAV 1AW C . 8.04 3.80 24.76
NAD 1AW C . 7.36 4.66 24.00
CBB 1AW D . 14.75 4.17 11.70
CBA 1AW D . 16.02 3.65 12.00
CAN 1AW D . 16.51 3.71 13.30
CAI 1AW D . 15.72 4.28 14.31
CAL 1AW D . 14.46 4.80 14.00
CAX 1AW D . 13.97 4.76 12.69
NAS 1AW D . 12.75 5.23 12.33
CAU 1AW D . 11.87 5.95 13.04
OAE 1AW D . 12.11 6.31 14.20
NAT 1AW D . 10.74 6.29 12.40
CAZ 1AW D . 9.69 6.97 12.95
CAQ 1AW D . 9.68 7.77 14.04
CAY 1AW D . 8.39 8.15 14.19
CBD 1AW D . 7.82 9.08 15.31
CAB 1AW D . 8.73 10.30 15.59
CAC 1AW D . 6.41 9.54 14.94
CAA 1AW D . 7.75 8.28 16.63
NAR 1AW D . 7.66 7.55 13.22
NBC 1AW D . 8.43 6.87 12.53
CAW 1AW D . 8.07 6.13 11.48
CAP 1AW D . 7.71 4.80 11.70
CAK 1AW D . 8.05 6.66 10.18
CAH 1AW D . 7.66 5.84 9.12
CAJ 1AW D . 7.31 4.51 9.34
CAV 1AW D . 7.33 3.98 10.63
NAD 1AW D . 6.99 2.72 10.85
CBB 1AW E . -16.70 1.89 -25.26
CBA 1AW E . -17.80 2.60 -24.78
CAN 1AW E . -17.68 3.42 -23.66
CAI 1AW E . -16.45 3.51 -23.01
CAL 1AW E . -15.35 2.79 -23.49
CAX 1AW E . -15.46 1.95 -24.61
NAS 1AW E . -14.40 1.23 -25.12
CAU 1AW E . -13.29 0.84 -24.47
OAE 1AW E . -13.09 1.11 -23.28
NAT 1AW E . -12.38 0.15 -25.16
CAZ 1AW E . -11.24 -0.25 -24.58
CAQ 1AW E . -11.15 -0.77 -23.36
CAY 1AW E . -9.86 -0.97 -23.18
CBD 1AW E . -9.22 -1.59 -21.93
CAB 1AW E . -9.58 -0.76 -20.71
CAC 1AW E . -9.77 -2.98 -21.77
CAA 1AW E . -7.69 -1.63 -22.06
NAR 1AW E . -9.20 -0.59 -24.27
NBC 1AW E . -10.01 -0.16 -25.08
CAW 1AW E . -9.67 0.30 -26.30
CAP 1AW E . -10.44 1.25 -26.95
CAK 1AW E . -8.51 -0.19 -26.92
CAH 1AW E . -8.14 0.27 -28.19
CAJ 1AW E . -8.92 1.22 -28.83
CAV 1AW E . -10.08 1.71 -28.22
NAD 1AW E . -10.85 2.63 -28.82
#